data_8RER
#
_entry.id   8RER
#
_cell.length_a   32.676
_cell.length_b   32.676
_cell.length_c   103.988
_cell.angle_alpha   90.000
_cell.angle_beta   90.000
_cell.angle_gamma   90.000
#
_symmetry.space_group_name_H-M   'P 41'
#
loop_
_entity.id
_entity.type
_entity.pdbx_description
1 polymer "DNA (5'-D(*GP*AP*AP*TP*AP*GP*G)-3')"
2 polymer "DNA (5'-D(*CP*CP*TP*AP*TP*TP*C)-3')"
3 non-polymer lambda-[Ru(tap2-dppz-CN)]2+
4 non-polymer 'MAGNESIUM ION'
5 non-polymer 'CHLORIDE ION'
6 water water
#
loop_
_entity_poly.entity_id
_entity_poly.type
_entity_poly.pdbx_seq_one_letter_code
_entity_poly.pdbx_strand_id
1 'polydeoxyribonucleotide' (DG)(DA)(DA)(DT)(DA)(DG)(DG) A,C
2 'polydeoxyribonucleotide' (DC)(DC)(DT)(DA)(DT)(DT)(DC) B,D
#
loop_
_chem_comp.id
_chem_comp.type
_chem_comp.name
_chem_comp.formula
CL non-polymer 'CHLORIDE ION' 'Cl -1'
DA DNA linking 2'-DEOXYADENOSINE-5'-MONOPHOSPHATE 'C10 H14 N5 O6 P'
DC DNA linking 2'-DEOXYCYTIDINE-5'-MONOPHOSPHATE 'C9 H14 N3 O7 P'
DG DNA linking 2'-DEOXYGUANOSINE-5'-MONOPHOSPHATE 'C10 H14 N5 O7 P'
DT DNA linking THYMIDINE-5'-MONOPHOSPHATE 'C10 H15 N2 O8 P'
KSB D-beta-peptide, C-gamma linking lambda-[Ru(tap2-dppz-CN)]2+ 'C39 H21 N13 Ru 6'
MG non-polymer 'MAGNESIUM ION' 'Mg 2'
#
# COMPACT_ATOMS: atom_id res chain seq x y z
C1 KSB E . 6.61 -5.53 5.79
C1 KSB E . 7.60 -7.06 5.84
C10 KSB E . 7.31 -6.71 5.79
C10 KSB E . 6.85 -5.91 5.83
C11 KSB E . 8.84 -8.96 5.82
C11 KSB E . 5.49 -3.55 5.85
C12 KSB E . 9.44 -7.72 6.08
C12 KSB E . 6.86 -3.54 6.12
C13 KSB E . 3.39 -9.12 4.73
C13 KSB E . 3.00 -8.45 4.76
C14 KSB E . 2.78 -10.33 4.47
C14 KSB E . 1.64 -8.51 4.48
C15 KSB E . 2.66 -7.94 4.73
C15 KSB E . 3.76 -9.61 4.76
C16 KSB E . 1.30 -7.98 4.46
C16 KSB E . 3.16 -10.83 4.50
C17 KSB E . 0.67 -9.20 4.19
C17 KSB E . 1.80 -10.89 4.22
C18 KSB E . 1.42 -10.37 4.20
C18 KSB E . 1.04 -9.73 4.21
C19 KSB E . 10.13 -5.30 9.08
C19 KSB E . 10.36 -3.39 4.28
C2 KSB E . 6.73 -3.17 6.10
C2 KSB E . 9.76 -7.98 6.15
C20 KSB E . 7.88 -4.62 9.08
C20 KSB E . 9.96 -5.59 3.54
C21 KSB E . 7.90 -4.80 10.48
C21 KSB E . 10.34 -5.15 2.26
C22 KSB E . 10.14 -5.46 10.44
C22 KSB E . 10.74 -2.97 3.04
C23 KSB E . 11.32 -5.89 11.05
C23 KSB E . 11.11 -1.64 2.87
C24 KSB E . 12.46 -6.15 10.27
C24 KSB E . 11.11 -0.76 3.95
C25 KSB E . 12.42 -5.97 8.89
C25 KSB E . 10.72 -1.21 5.21
C26 KSB E . 11.24 -5.55 8.31
C26 KSB E . 10.35 -2.53 5.36
C27 KSB E . 13.36 -6.01 6.74
C27 KSB E . 10.30 -0.93 7.51
C28 KSB E . 12.17 -5.58 6.15
C28 KSB E . 9.92 -2.26 7.66
C29 KSB E . 10.21 -3.13 4.26
C29 KSB E . 10.30 -5.47 9.16
C3 KSB E . 5.35 -3.13 5.84
C3 KSB E . 9.22 -9.25 5.89
C30 KSB E . 9.68 -5.28 3.47
C30 KSB E . 8.02 -4.93 9.12
C31 KSB E . 10.07 -4.84 2.19
C31 KSB E . 8.03 -5.07 10.51
C32 KSB E . 10.59 -2.70 3.00
C32 KSB E . 10.30 -5.61 10.52
C33 KSB E . 11.04 -1.39 2.85
C33 KSB E . 11.50 -5.95 11.15
C34 KSB E . 11.10 -0.53 3.97
C34 KSB E . 12.66 -6.16 10.41
C35 KSB E . 10.70 -0.99 5.22
C35 KSB E . 12.64 -6.01 9.01
C36 KSB E . 10.27 -2.29 5.34
C36 KSB E . 11.45 -5.66 8.41
C37 KSB E . 10.33 -0.73 7.52
C37 KSB E . 13.62 -6.03 6.88
C38 KSB E . 9.89 -2.04 7.65
C38 KSB E . 12.41 -5.69 6.27
C39 KSB E . -0.59 -9.27 3.94
C39 KSB E . 1.22 -12.02 3.97
C4 KSB E . 4.61 -4.29 5.55
C4 KSB E . 7.87 -9.40 5.60
C5 KSB E . 5.25 -5.52 5.53
C5 KSB E . 7.03 -8.29 5.58
C6 KSB E . 4.60 -6.73 5.26
C6 KSB E . 5.67 -8.35 5.29
C7 KSB E . 5.33 -7.92 5.26
C7 KSB E . 4.90 -7.18 5.29
C8 KSB E . 6.70 -7.91 5.53
C8 KSB E . 5.50 -5.95 5.56
C9 KSB E . 7.48 -9.06 5.55
C9 KSB E . 4.81 -4.74 5.58
N1 KSB E . 8.68 -6.62 6.08
N1 KSB E . 7.53 -4.70 6.11
N10 KSB E . 10.51 -3.58 1.98
N10 KSB E . 9.15 -5.40 11.18
N11 KSB E . 10.73 -0.22 6.33
N11 KSB E . 13.71 -6.18 8.23
N12 KSB E . 9.85 -2.82 6.57
N12 KSB E . 11.34 -5.49 7.03
N2 KSB E . 7.35 -4.36 6.07
N2 KSB E . 8.96 -6.91 6.14
N3 KSB E . 3.28 -6.76 4.99
N3 KSB E . 5.09 -9.54 5.03
N4 KSB E . 4.72 -9.10 5.00
N4 KSB E . 3.58 -7.25 5.02
N5 KSB E . 8.99 -4.89 8.39
N5 KSB E . 9.96 -4.71 4.54
N6 KSB E . 9.00 -5.20 11.13
N6 KSB E . 10.72 -3.88 2.04
N7 KSB E . 13.47 -6.19 8.07
N7 KSB E . 10.68 -0.42 6.31
N74 KSB E . -1.72 -9.34 3.71
N74 KSB E . 0.70 -13.02 3.74
N8 KSB E . 11.13 -5.34 6.93
N8 KSB E . 9.94 -3.06 6.59
N9 KSB E . 9.76 -4.43 4.49
N9 KSB E . 9.16 -5.13 8.44
RU KSB E . 9.28 -4.74 6.41
RU KSB E . 9.48 -5.01 6.47
H2 KSB E . 10.50 -7.66 6.29
H2 KSB E . 7.37 -2.62 6.35
H1 KSB E . 9.45 -9.86 5.83
H1 KSB E . 4.95 -2.62 5.86
H3 KSB E . 3.36 -11.25 4.48
H3 KSB E . 1.04 -7.59 4.47
H4 KSB E . 0.72 -7.07 4.46
H4 KSB E . 3.76 -11.73 4.51
H5 KSB E . 0.93 -11.32 3.99
H5 KSB E . -0.02 -9.78 3.99
H6 KSB E . 7.27 -2.27 6.32
H6 KSB E . 10.82 -7.87 6.36
H7 KSB E . 6.98 -4.29 8.58
H7 KSB E . 9.66 -6.61 3.71
H8 KSB E . 6.99 -4.59 11.04
H8 KSB E . 10.34 -5.86 1.44
H9 KSB E . 11.36 -6.03 12.12
H9 KSB E . 11.41 -1.29 1.88
H10 KSB E . 13.38 -6.48 10.75
H10 KSB E . 11.40 0.27 3.81
H11 KSB E . 14.23 -6.19 6.11
H11 KSB E . 10.28 -0.27 8.37
H12 KSB E . 12.11 -5.44 5.07
H12 KSB E . 9.62 -2.64 8.63
H13 KSB E . 4.84 -2.17 5.85
H13 KSB E . 9.87 -10.11 5.91
H14 KSB E . 9.34 -6.30 3.62
H14 KSB E . 7.12 -4.65 8.60
H15 KSB E . 10.02 -5.53 1.37
H15 KSB E . 7.11 -4.90 11.06
H16 KSB E . 11.35 -1.03 1.88
H16 KSB E . 11.53 -6.06 12.24
H17 KSB E . 11.45 0.49 3.85
H17 KSB E . 13.59 -6.43 10.90
H18 KSB E . 10.36 -0.09 8.40
H18 KSB E . 14.51 -6.18 6.28
H19 KSB E . 9.59 -2.44 8.61
H19 KSB E . 12.36 -5.57 5.19
H20 KSB E . 3.55 -4.22 5.35
H20 KSB E . 7.46 -10.39 5.40
H21 KSB E . 7.03 -10.02 5.34
H21 KSB E . 3.75 -4.73 5.37
MG MG F . 7.97 5.78 4.04
MG MG G . 12.67 1.18 -9.21
CL CL H . 7.17 -1.03 9.32
CL CL I . 11.88 -2.43 10.41
C1 KSB J . 3.63 -2.59 -4.22
C10 KSB J . 2.80 -3.67 -4.44
C11 KSB J . 1.02 -5.68 -4.85
C12 KSB J . 0.56 -4.37 -4.74
C13 KSB J . 6.52 -6.59 -4.41
C14 KSB J . 7.05 -7.87 -4.51
C15 KSB J . 7.36 -5.50 -4.20
C16 KSB J . 8.73 -5.71 -4.08
C17 KSB J . 9.26 -7.00 -4.18
C18 KSB J . 8.41 -8.08 -4.40
C19 KSB J . -0.17 -1.27 -6.93
C2 KSB J . 3.76 -0.23 -3.93
C20 KSB J . 2.16 -0.92 -7.09
C21 KSB J . 1.98 -0.77 -8.47
C22 KSB J . -0.33 -1.12 -8.29
C23 KSB J . -1.62 -1.24 -8.81
C24 KSB J . -2.71 -1.50 -7.97
C25 KSB J . -2.50 -1.65 -6.59
C26 KSB J . -1.23 -1.53 -6.10
C27 KSB J . -3.23 -2.03 -4.40
C28 KSB J . -1.94 -1.92 -3.89
C29 KSB J . 0.46 -0.30 -1.79
C3 KSB J . 5.13 -0.37 -3.80
C30 KSB J . 0.82 -2.62 -1.57
C31 KSB J . 0.60 -2.46 -0.20
C32 KSB J . 0.25 -0.15 -0.43
C33 KSB J . -0.04 1.13 0.05
C34 KSB J . -0.10 2.22 -0.82
C35 KSB J . 0.13 2.04 -2.18
C36 KSB J . 0.40 0.77 -2.64
C37 KSB J . 0.32 2.79 -4.40
C38 KSB J . 0.60 1.50 -4.86
C39 KSB J . 10.52 -7.17 -4.07
C4 KSB J . 5.76 -1.62 -3.89
C5 KSB J . 4.98 -2.76 -4.10
C6 KSB J . 5.52 -4.05 -4.20
C7 KSB J . 4.67 -5.14 -4.42
C8 KSB J . 3.30 -4.94 -4.54
C9 KSB J . 2.39 -5.98 -4.75
N1 KSB J . 1.42 -3.38 -4.54
N10 KSB J . 0.32 -1.25 0.35
N11 KSB J . 0.08 3.04 -3.09
N12 KSB J . 0.66 0.50 -3.99
N2 KSB J . 3.00 -1.33 -4.13
N3 KSB J . 6.85 -4.26 -4.10
N4 KSB J . 5.18 -6.39 -4.52
N5 KSB J . 1.10 -1.18 -6.33
N6 KSB J . 0.76 -0.87 -9.05
N7 KSB J . -3.50 -1.90 -5.72
N74 KSB J . 11.66 -7.34 -3.94
N8 KSB J . -0.94 -1.66 -4.74
N9 KSB J . 0.76 -1.54 -2.36
RU KSB J . 1.02 -1.43 -4.34
H2 KSB J . -0.51 -4.16 -4.82
H1 KSB J . 0.32 -6.49 -5.02
H3 KSB J . 6.38 -8.71 -4.68
H4 KSB J . 9.38 -4.88 -3.91
H5 KSB J . 8.82 -9.08 -4.47
H6 KSB J . 3.29 0.74 -3.86
H7 KSB J . 3.14 -0.83 -6.65
H8 KSB J . 2.84 -0.57 -9.10
H9 KSB J . -1.78 -1.13 -9.88
H10 KSB J . -3.70 -1.60 -8.38
H11 KSB J . -4.05 -2.24 -3.72
H12 KSB J . -1.74 -2.02 -2.83
H13 KSB J . 5.74 0.51 -3.64
H14 KSB J . 1.04 -3.60 -1.98
H15 KSB J . 0.65 -3.32 0.45
H16 KSB J . -0.22 1.27 1.11
H17 KSB J . -0.32 3.21 -0.44
H18 KSB J . 0.28 3.61 -5.11
H19 KSB J . 0.78 1.32 -5.92
H20 KSB J . 6.84 -1.70 -3.79
H21 KSB J . 2.73 -7.00 -4.84
MG MG K . -0.61 -10.63 -2.64
MG MG L . 1.40 -8.53 -15.79
CL CL M . -1.38 -8.02 -6.42
CL CL N . 1.01 2.89 -7.88
C1 KSB O . -4.82 7.68 -6.70
C10 KSB O . -3.95 8.63 -6.19
C11 KSB O . -2.14 10.37 -5.15
C12 KSB O . -1.85 9.01 -5.15
C13 KSB O . -6.99 12.07 -7.28
C14 KSB O . -7.31 13.42 -7.29
C15 KSB O . -7.88 11.13 -7.80
C16 KSB O . -9.09 11.56 -8.32
C17 KSB O . -9.41 12.90 -8.34
C18 KSB O . -8.52 13.84 -7.82
C19 KSB O . -0.29 6.26 -7.52
C2 KSB O . -5.18 5.37 -7.10
C20 KSB O . -2.26 6.21 -8.81
C21 KSB O . -1.44 6.26 -9.94
C22 KSB O . 0.51 6.29 -8.64
C23 KSB O . 1.88 6.33 -8.47
C24 KSB O . 2.43 6.33 -7.18
C25 KSB O . 1.61 6.29 -6.06
C26 KSB O . 0.25 6.26 -6.26
C27 KSB O . 1.20 6.24 -3.75
C28 KSB O . -0.18 6.19 -3.93
C29 KSB O . -3.43 4.53 -3.62
C3 KSB O . -6.42 5.72 -7.66
C30 KSB O . -3.69 6.80 -3.06
C31 KSB O . -4.19 6.38 -1.82
C32 KSB O . -3.92 4.11 -2.40
C33 KSB O . -4.01 2.75 -2.15
C34 KSB O . -3.60 1.82 -3.12
C35 KSB O . -3.11 2.27 -4.35
C36 KSB O . -3.03 3.63 -4.57
C37 KSB O . -2.24 1.93 -6.49
C38 KSB O . -2.15 3.31 -6.73
C39 KSB O . -10.53 13.30 -8.84
C4 KSB O . -6.85 7.04 -7.72
C5 KSB O . -6.02 8.06 -7.23
C6 KSB O . -6.37 9.41 -7.25
C7 KSB O . -5.49 10.36 -6.74
C8 KSB O . -4.26 9.97 -6.20
C9 KSB O . -3.34 10.85 -5.67
N1 KSB O . -2.74 8.15 -5.67
N10 KSB O . -4.30 5.07 -1.51
N11 KSB O . -2.70 1.44 -5.33
N12 KSB O . -2.56 4.15 -5.77
N2 KSB O . -4.39 6.34 -6.62
N3 KSB O . -7.56 9.82 -7.77
N4 KSB O . -5.81 11.67 -6.76
N5 KSB O . -1.68 6.23 -7.60
N6 KSB O . -0.09 6.30 -9.85
N7 KSB O . 2.06 6.28 -4.79
N74 KSB O . -11.53 13.64 -9.31
N8 KSB O . -0.66 6.20 -5.18
N9 KSB O . -3.32 5.89 -3.96
RU KSB O . -2.57 6.16 -5.79
H2 KSB O . -0.92 8.64 -4.74
H1 KSB O . -1.42 11.07 -4.74
H3 KSB O . -6.61 14.15 -6.89
H4 KSB O . -9.78 10.83 -8.73
H5 KSB O . -8.77 14.90 -7.84
H6 KSB O . -4.86 4.34 -7.06
H7 KSB O . -3.33 6.18 -8.91
H8 KSB O . -1.90 6.26 -10.93
H9 KSB O . 2.54 6.37 -9.34
H10 KSB O . 3.52 6.36 -7.05
H11 KSB O . 1.60 6.23 -2.74
H12 KSB O . -0.86 6.17 -3.09
H13 KSB O . -7.05 4.93 -8.03
H14 KSB O . -3.61 7.86 -3.29
H15 KSB O . -4.49 7.12 -1.10
H16 KSB O . -4.39 2.39 -1.19
H17 KSB O . -3.66 0.76 -2.91
H18 KSB O . -1.91 1.24 -7.26
H19 KSB O . -1.78 3.69 -7.67
H20 KSB O . -7.81 7.28 -8.15
H21 KSB O . -3.55 11.92 -5.66
MG MG P . 0.70 4.63 -13.92
MG MG Q . -7.67 -3.52 -5.48
MG MG R . -1.20 -1.07 2.85
CL CL S . -3.67 2.75 -9.70
C1 KSB T . -13.62 6.19 -0.33
C10 KSB T . -14.14 7.45 -0.54
C11 KSB T . -15.26 9.87 -1.03
C12 KSB T . -15.91 8.71 -1.48
C13 KSB T . -10.44 9.35 1.72
C14 KSB T . -9.75 10.47 2.20
C15 KSB T . -9.92 8.08 1.94
C16 KSB T . -8.72 7.93 2.62
C17 KSB T . -8.03 9.04 3.09
C18 KSB T . -8.55 10.32 2.88
C19 KSB T . -18.46 6.06 -0.30
C2 KSB T . -13.94 3.86 -0.67
C20 KSB T . -16.80 5.16 1.11
C21 KSB T . -17.75 5.17 2.13
C22 KSB T . -19.39 6.07 0.72
C23 KSB T . -20.67 6.54 0.43
C24 KSB T . -20.99 6.99 -0.86
C25 KSB T . -20.03 6.98 -1.86
C26 KSB T . -18.77 6.50 -1.56
C27 KSB T . -19.29 7.35 -4.06
C28 KSB T . -18.00 6.87 -3.76
C29 KSB T . -15.36 4.59 -4.29
C3 KSB T . -12.73 3.63 0.00
C30 KSB T . -14.37 6.71 -4.09
C31 KSB T . -13.84 6.51 -5.37
C32 KSB T . -14.84 4.40 -5.55
C33 KSB T . -15.11 3.20 -6.21
C34 KSB T . -15.92 2.22 -5.61
C35 KSB T . -16.44 2.44 -4.34
C36 KSB T . -16.15 3.63 -3.70
C37 KSB T . -17.70 1.82 -2.45
C38 KSB T . -17.39 3.03 -1.80
C39 KSB T . -6.93 8.89 3.73
C4 KSB T . -11.98 4.70 0.51
C5 KSB T . -12.43 6.00 0.35
C6 KSB T . -11.75 7.13 0.82
C7 KSB T . -12.27 8.41 0.61
C8 KSB T . -13.47 8.57 -0.08
C9 KSB T . -14.05 9.80 -0.33
N1 KSB T . -15.35 7.52 -1.23
N10 KSB T . -14.07 5.38 -6.07
N11 KSB T . -17.22 1.55 -3.68
N12 KSB T . -16.62 3.92 -2.42
N2 KSB T . -14.37 5.12 -0.84
N3 KSB T . -10.58 6.99 1.48
N4 KSB T . -11.60 9.50 1.07
N5 KSB T . -17.15 5.61 -0.10
N6 KSB T . -19.01 5.62 1.93
N7 KSB T . -20.27 7.39 -3.13
N74 KSB T . -5.93 8.75 4.31
N8 KSB T . -17.76 6.46 -2.51
N9 KSB T . -15.12 5.75 -3.55
RU KSB T . -16.05 5.73 -1.77
H2 KSB T . -16.84 8.77 -2.02
H1 KSB T . -15.72 10.83 -1.22
H3 KSB T . -10.17 11.46 2.04
H4 KSB T . -8.31 6.94 2.79
H5 KSB T . -8.03 11.19 3.25
H6 KSB T . -14.52 3.02 -1.07
H7 KSB T . -15.79 4.79 1.29
H8 KSB T . -17.47 4.82 3.11
H9 KSB T . -21.43 6.55 1.21
H10 KSB T . -21.99 7.36 -1.07
H11 KSB T . -19.50 7.69 -5.06
H12 KSB T . -17.23 6.84 -4.52
H13 KSB T . -12.39 2.62 0.13
H14 KSB T . -14.18 7.63 -3.55
H15 KSB T . -13.22 7.29 -5.81
H16 KSB T . -14.72 3.02 -7.20
H17 KSB T . -16.13 1.30 -6.13
H18 KSB T . -18.32 1.10 -1.94
H19 KSB T . -17.78 3.24 -0.81
H20 KSB T . -11.06 4.50 1.03
H21 KSB T . -13.57 10.72 0.01
MG MG U . -14.15 14.70 -3.58
CL CL V . -17.48 12.83 -0.88
#